data_7MHE
#
_entry.id   7MHE
#
_cell.length_a   52.680
_cell.length_b   56.500
_cell.length_c   75.640
_cell.angle_alpha   90.000
_cell.angle_beta   90.000
_cell.angle_gamma   90.000
#
_symmetry.space_group_name_H-M   'P 21 21 21'
#
loop_
_entity.id
_entity.type
_entity.pdbx_description
1 polymer 'Fatty acid synthase'
2 non-polymer 4-{4-[2-(4-fluorophenyl)-1,3-thiazol-4-yl]benzene-1-sulfonyl}morpholine
3 non-polymer 1,2-ETHANEDIOL
4 water water
#
_entity_poly.entity_id   1
_entity_poly.type   'polypeptide(L)'
_entity_poly.pdbx_seq_one_letter_code
;GSGGGGGSTQLNLRSLLVNPEGPTLMRLNSVQSSERPLFLVHPIEGSTTVFHSLASRLSIPTYGLQCTRAAPLDSIHSLA
AYYIDCIRQVQPEGPYRVAGYSYGACVAFEMCSQLQAQQSPAPTHNSLFLFDGSPTYVLAYTQSYRAKLTPGCEAEAETE
AICFFVQQFTDMEHNRVLEALLPLKGLEERVAAAVDLIIKSHQGLDRQELSFAARSFYYKLRAAEQYTPKAKYHGNVMLL
RAKTGGAYGEDLGADYNLSQVCDGKVSVHVIEGDHRTLLEGSGLESIISIIHSSLAEH
;
_entity_poly.pdbx_strand_id   AAA
#
# COMPACT_ATOMS: atom_id res chain seq x y z
N ASN A 12 -3.66 -3.58 17.48
CA ASN A 12 -2.38 -4.00 16.83
C ASN A 12 -2.68 -5.13 15.83
N LEU A 13 -3.47 -6.09 16.27
CA LEU A 13 -3.57 -7.41 15.57
C LEU A 13 -4.55 -7.36 14.39
N ARG A 14 -5.77 -6.86 14.60
CA ARG A 14 -6.81 -6.84 13.54
C ARG A 14 -6.68 -5.57 12.70
N SER A 15 -5.62 -4.78 12.92
CA SER A 15 -5.29 -3.55 12.11
C SER A 15 -4.68 -3.90 10.74
N LEU A 16 -4.17 -5.12 10.61
CA LEU A 16 -3.64 -5.66 9.33
C LEU A 16 -4.78 -6.24 8.50
N LEU A 17 -6.04 -6.09 8.96
CA LEU A 17 -7.20 -6.71 8.29
C LEU A 17 -8.11 -5.61 7.75
N VAL A 18 -8.77 -5.97 6.66
CA VAL A 18 -9.85 -5.16 6.02
C VAL A 18 -11.16 -5.94 6.13
N ASN A 19 -12.24 -5.25 6.53
CA ASN A 19 -13.63 -5.69 6.27
C ASN A 19 -13.84 -5.73 4.75
N PRO A 20 -13.91 -6.92 4.14
CA PRO A 20 -14.02 -6.99 2.68
C PRO A 20 -15.29 -6.30 2.16
N GLU A 21 -16.29 -6.10 3.03
CA GLU A 21 -17.62 -5.47 2.72
C GLU A 21 -17.60 -3.97 3.09
N GLY A 22 -16.45 -3.50 3.59
CA GLY A 22 -16.23 -2.09 3.96
C GLY A 22 -16.16 -1.20 2.73
N PRO A 23 -16.23 0.14 2.96
CA PRO A 23 -16.21 1.11 1.89
C PRO A 23 -14.76 1.26 1.45
N THR A 24 -14.54 1.53 0.17
CA THR A 24 -13.21 1.76 -0.42
C THR A 24 -12.67 3.09 0.12
N LEU A 25 -13.50 4.13 0.12
CA LEU A 25 -13.13 5.50 0.58
C LEU A 25 -13.75 5.71 1.96
N MET A 26 -12.98 6.23 2.90
CA MET A 26 -13.44 6.35 4.30
C MET A 26 -12.89 7.64 4.90
N ARG A 27 -13.71 8.46 5.54
CA ARG A 27 -13.21 9.63 6.31
C ARG A 27 -12.28 9.15 7.42
N LEU A 28 -11.19 9.85 7.64
CA LEU A 28 -10.23 9.52 8.71
C LEU A 28 -10.06 10.70 9.65
N ASN A 29 -10.73 11.84 9.43
CA ASN A 29 -10.86 12.96 10.39
C ASN A 29 -12.23 13.64 10.23
N SER A 30 -12.54 14.59 11.11
CA SER A 30 -13.83 15.32 11.16
C SER A 30 -13.66 16.73 10.59
N VAL A 31 -12.50 17.02 10.02
CA VAL A 31 -12.20 18.40 9.54
C VAL A 31 -13.14 18.67 8.37
N GLN A 32 -14.07 19.60 8.49
CA GLN A 32 -14.97 19.93 7.37
C GLN A 32 -14.61 21.33 6.89
N SER A 33 -13.96 21.40 5.72
CA SER A 33 -13.44 22.69 5.20
C SER A 33 -13.50 22.74 3.67
N SER A 34 -13.19 23.91 3.14
CA SER A 34 -13.03 24.15 1.68
C SER A 34 -11.71 23.56 1.19
N GLU A 35 -10.74 23.39 2.09
CA GLU A 35 -9.39 22.94 1.66
C GLU A 35 -9.48 21.55 1.02
N ARG A 36 -8.87 21.33 -0.14
CA ARG A 36 -9.10 20.02 -0.83
C ARG A 36 -8.55 18.87 0.03
N PRO A 37 -9.22 17.68 0.14
CA PRO A 37 -8.76 16.62 1.04
C PRO A 37 -7.43 15.99 0.63
N LEU A 38 -6.76 15.38 1.60
CA LEU A 38 -5.63 14.45 1.36
C LEU A 38 -6.17 13.03 1.34
N PHE A 39 -5.83 12.27 0.31
CA PHE A 39 -6.20 10.84 0.18
C PHE A 39 -4.96 10.00 0.52
N LEU A 40 -5.09 9.05 1.45
CA LEU A 40 -3.98 8.21 1.97
C LEU A 40 -4.21 6.78 1.52
N VAL A 41 -3.28 6.21 0.78
CA VAL A 41 -3.40 4.83 0.23
C VAL A 41 -2.69 3.81 1.13
N HIS A 42 -3.43 2.77 1.48
CA HIS A 42 -3.06 1.61 2.32
C HIS A 42 -1.68 0.99 2.01
N PRO A 43 -1.01 0.39 3.03
CA PRO A 43 0.08 -0.55 2.78
C PRO A 43 -0.46 -1.84 2.17
N ILE A 44 0.38 -2.87 2.04
CA ILE A 44 -0.03 -4.15 1.37
C ILE A 44 -1.15 -4.83 2.14
N GLU A 45 -1.22 -4.67 3.46
CA GLU A 45 -2.30 -5.28 4.29
C GLU A 45 -3.68 -4.77 3.86
N GLY A 46 -3.75 -3.63 3.18
CA GLY A 46 -4.99 -3.10 2.57
C GLY A 46 -5.76 -2.13 3.46
N SER A 47 -5.48 -2.03 4.77
CA SER A 47 -6.28 -1.21 5.72
C SER A 47 -5.65 0.17 5.89
N THR A 48 -6.45 1.15 6.30
CA THR A 48 -5.99 2.56 6.47
C THR A 48 -5.77 2.85 7.96
N THR A 49 -5.95 1.87 8.85
CA THR A 49 -5.70 1.99 10.32
C THR A 49 -4.34 2.61 10.60
N VAL A 50 -3.33 2.27 9.80
CA VAL A 50 -1.94 2.75 10.03
C VAL A 50 -1.87 4.29 9.93
N PHE A 51 -2.88 4.93 9.36
CA PHE A 51 -2.89 6.40 9.15
C PHE A 51 -3.70 7.13 10.24
N HIS A 52 -4.35 6.42 11.18
CA HIS A 52 -5.36 6.98 12.12
C HIS A 52 -4.75 8.16 12.89
N SER A 53 -3.53 8.03 13.44
CA SER A 53 -2.84 9.11 14.21
C SER A 53 -2.63 10.35 13.32
N LEU A 54 -2.04 10.18 12.15
CA LEU A 54 -1.81 11.30 11.19
C LEU A 54 -3.13 12.00 10.91
N ALA A 55 -4.15 11.24 10.49
CA ALA A 55 -5.46 11.76 10.02
C ALA A 55 -6.12 12.60 11.10
N SER A 56 -6.11 12.17 12.37
CA SER A 56 -6.70 12.87 13.54
C SER A 56 -5.98 14.22 13.80
N ARG A 57 -4.67 14.26 13.46
CA ARG A 57 -3.75 15.39 13.77
C ARG A 57 -3.77 16.44 12.64
N LEU A 58 -4.33 16.07 11.48
CA LEU A 58 -4.26 17.02 10.32
C LEU A 58 -5.47 17.96 10.40
N SER A 59 -5.18 19.22 10.10
CA SER A 59 -6.12 20.36 10.00
C SER A 59 -6.78 20.39 8.61
N ILE A 60 -6.44 19.48 7.70
CA ILE A 60 -7.15 19.33 6.39
C ILE A 60 -7.99 18.06 6.37
N PRO A 61 -9.14 18.06 5.65
CA PRO A 61 -9.99 16.86 5.55
C PRO A 61 -9.14 15.72 4.98
N THR A 62 -9.19 14.56 5.62
CA THR A 62 -8.35 13.38 5.27
C THR A 62 -9.29 12.20 5.01
N TYR A 63 -9.08 11.49 3.93
CA TYR A 63 -9.73 10.19 3.62
C TYR A 63 -8.64 9.12 3.50
N GLY A 64 -9.00 7.88 3.77
CA GLY A 64 -8.18 6.69 3.47
C GLY A 64 -8.79 5.87 2.36
N LEU A 65 -7.94 5.23 1.56
CA LEU A 65 -8.33 4.24 0.53
C LEU A 65 -7.93 2.87 1.08
N GLN A 66 -8.91 2.00 1.24
CA GLN A 66 -8.69 0.62 1.72
C GLN A 66 -9.06 -0.34 0.60
N CYS A 67 -8.45 -1.53 0.60
CA CYS A 67 -8.50 -2.51 -0.50
C CYS A 67 -9.51 -3.59 -0.11
N THR A 68 -10.74 -3.50 -0.62
CA THR A 68 -11.83 -4.45 -0.31
C THR A 68 -12.08 -5.43 -1.47
N ARG A 69 -13.18 -6.18 -1.37
CA ARG A 69 -13.67 -7.13 -2.40
C ARG A 69 -13.92 -6.39 -3.71
N ALA A 70 -14.24 -5.09 -3.65
CA ALA A 70 -14.56 -4.24 -4.81
C ALA A 70 -13.32 -3.92 -5.63
N ALA A 71 -12.12 -4.00 -5.04
CA ALA A 71 -10.86 -3.56 -5.69
C ALA A 71 -10.44 -4.57 -6.77
N PRO A 72 -10.10 -4.10 -7.99
CA PRO A 72 -9.46 -4.94 -9.00
C PRO A 72 -7.93 -5.10 -8.78
N LEU A 73 -7.41 -6.32 -8.69
CA LEU A 73 -5.99 -6.57 -8.31
C LEU A 73 -5.28 -7.34 -9.43
N ASP A 74 -5.83 -7.25 -10.66
CA ASP A 74 -5.16 -7.81 -11.87
C ASP A 74 -3.90 -7.00 -12.18
N SER A 75 -3.87 -5.72 -11.80
CA SER A 75 -2.68 -4.83 -11.98
C SER A 75 -2.72 -3.61 -11.04
N ILE A 76 -1.55 -3.04 -10.74
CA ILE A 76 -1.46 -1.73 -10.03
C ILE A 76 -2.25 -0.70 -10.86
N HIS A 77 -2.22 -0.79 -12.19
CA HIS A 77 -2.93 0.20 -13.06
C HIS A 77 -4.44 0.13 -12.82
N SER A 78 -5.03 -1.07 -12.74
CA SER A 78 -6.49 -1.21 -12.51
C SER A 78 -6.86 -0.67 -11.12
N LEU A 79 -6.11 -1.09 -10.10
CA LEU A 79 -6.30 -0.64 -8.70
C LEU A 79 -6.34 0.89 -8.68
N ALA A 80 -5.38 1.56 -9.31
CA ALA A 80 -5.18 3.05 -9.30
C ALA A 80 -6.35 3.76 -9.98
N ALA A 81 -6.80 3.23 -11.12
CA ALA A 81 -7.97 3.74 -11.86
C ALA A 81 -9.19 3.68 -10.96
N TYR A 82 -9.38 2.57 -10.25
CA TYR A 82 -10.53 2.37 -9.35
C TYR A 82 -10.47 3.41 -8.22
N TYR A 83 -9.31 3.59 -7.58
CA TYR A 83 -9.12 4.57 -6.46
C TYR A 83 -9.40 5.98 -6.99
N ILE A 84 -9.03 6.30 -8.23
CA ILE A 84 -9.35 7.66 -8.79
C ILE A 84 -10.87 7.86 -8.88
N ASP A 85 -11.61 6.86 -9.33
CA ASP A 85 -13.09 6.95 -9.45
C ASP A 85 -13.68 7.15 -8.04
N CYS A 86 -13.14 6.49 -7.01
CA CYS A 86 -13.68 6.63 -5.64
C CYS A 86 -13.45 8.06 -5.14
N ILE A 87 -12.29 8.61 -5.43
CA ILE A 87 -11.90 9.98 -4.96
C ILE A 87 -12.92 10.96 -5.52
N ARG A 88 -13.30 10.83 -6.81
CA ARG A 88 -14.24 11.72 -7.55
C ARG A 88 -15.67 11.70 -6.98
N GLN A 89 -16.02 10.73 -6.13
CA GLN A 89 -17.31 10.74 -5.41
C GLN A 89 -17.26 11.75 -4.25
N VAL A 90 -16.10 12.31 -3.93
CA VAL A 90 -16.07 13.43 -2.95
C VAL A 90 -15.35 14.64 -3.53
N GLN A 91 -14.45 14.45 -4.49
CA GLN A 91 -13.70 15.60 -5.10
C GLN A 91 -13.68 15.38 -6.60
N PRO A 92 -14.72 15.85 -7.33
CA PRO A 92 -14.84 15.53 -8.74
C PRO A 92 -13.69 16.12 -9.58
N GLU A 93 -13.07 17.21 -9.11
CA GLU A 93 -12.11 18.00 -9.90
C GLU A 93 -10.82 18.18 -9.09
N GLY A 94 -9.70 18.22 -9.81
CA GLY A 94 -8.34 18.52 -9.28
C GLY A 94 -8.21 19.98 -8.85
N PRO A 95 -7.07 20.41 -8.28
CA PRO A 95 -5.91 19.52 -8.09
C PRO A 95 -6.08 18.58 -6.89
N TYR A 96 -5.29 17.51 -6.84
CA TYR A 96 -5.50 16.36 -5.92
C TYR A 96 -4.24 16.17 -5.07
N ARG A 97 -4.45 15.92 -3.77
CA ARG A 97 -3.38 15.62 -2.78
C ARG A 97 -3.43 14.11 -2.53
N VAL A 98 -2.38 13.35 -2.87
CA VAL A 98 -2.33 11.88 -2.71
C VAL A 98 -1.06 11.47 -1.98
N ALA A 99 -1.21 10.59 -1.00
CA ALA A 99 -0.09 9.94 -0.29
C ALA A 99 -0.27 8.42 -0.30
N GLY A 100 0.83 7.73 -0.32
CA GLY A 100 0.83 6.29 -0.06
C GLY A 100 1.98 5.91 0.82
N TYR A 101 1.75 4.87 1.61
CA TYR A 101 2.68 4.27 2.57
C TYR A 101 3.09 2.88 2.08
N SER A 102 4.39 2.63 2.00
CA SER A 102 4.93 1.26 1.76
C SER A 102 4.42 0.82 0.40
N TYR A 103 3.77 -0.35 0.27
CA TYR A 103 3.11 -0.82 -0.99
C TYR A 103 2.28 0.33 -1.61
N GLY A 104 1.57 1.05 -0.76
CA GLY A 104 0.66 2.15 -1.17
C GLY A 104 1.39 3.26 -1.90
N ALA A 105 2.69 3.45 -1.66
CA ALA A 105 3.51 4.47 -2.36
C ALA A 105 3.56 4.17 -3.86
N CYS A 106 3.80 2.92 -4.25
CA CYS A 106 3.63 2.48 -5.66
C CYS A 106 2.26 2.87 -6.23
N VAL A 107 1.19 2.47 -5.54
CA VAL A 107 -0.20 2.72 -6.02
C VAL A 107 -0.43 4.24 -6.19
N ALA A 108 -0.11 5.04 -5.17
CA ALA A 108 -0.44 6.48 -5.15
C ALA A 108 0.25 7.16 -6.34
N PHE A 109 1.51 6.81 -6.58
CA PHE A 109 2.35 7.24 -7.75
C PHE A 109 1.61 6.89 -9.05
N GLU A 110 1.12 5.65 -9.21
CA GLU A 110 0.31 5.27 -10.41
C GLU A 110 -0.94 6.16 -10.55
N MET A 111 -1.61 6.48 -9.43
CA MET A 111 -2.87 7.24 -9.46
C MET A 111 -2.57 8.64 -10.05
N CYS A 112 -1.52 9.27 -9.56
CA CYS A 112 -1.07 10.62 -9.97
C CYS A 112 -0.63 10.62 -11.44
N SER A 113 0.09 9.61 -11.91
CA SER A 113 0.46 9.42 -13.35
C SER A 113 -0.80 9.37 -14.20
N GLN A 114 -1.78 8.54 -13.80
CA GLN A 114 -3.06 8.41 -14.55
C GLN A 114 -3.73 9.78 -14.59
N LEU A 115 -3.72 10.50 -13.46
CA LEU A 115 -4.37 11.82 -13.36
C LEU A 115 -3.63 12.79 -14.32
N GLN A 116 -2.32 12.67 -14.41
CA GLN A 116 -1.48 13.54 -15.27
C GLN A 116 -1.88 13.28 -16.72
N ALA A 117 -1.98 12.02 -17.09
CA ALA A 117 -2.42 11.54 -18.43
C ALA A 117 -3.83 12.09 -18.68
N GLN A 118 -4.73 12.11 -17.67
CA GLN A 118 -6.13 12.58 -17.86
C GLN A 118 -6.16 14.06 -18.25
N GLN A 119 -5.18 14.83 -17.79
CA GLN A 119 -5.07 16.29 -18.09
C GLN A 119 -3.90 16.57 -19.06
N SER A 120 -3.21 15.54 -19.55
CA SER A 120 -2.00 15.73 -20.42
C SER A 120 -2.36 16.58 -21.64
N PRO A 121 -1.50 17.53 -22.04
CA PRO A 121 -0.20 17.73 -21.41
C PRO A 121 -0.17 18.94 -20.48
N ALA A 122 -1.33 19.54 -20.19
CA ALA A 122 -1.46 20.57 -19.14
C ALA A 122 -0.96 20.02 -17.81
N PRO A 123 -0.02 20.73 -17.13
CA PRO A 123 0.53 20.29 -15.86
C PRO A 123 -0.57 20.34 -14.79
N THR A 124 -0.70 19.29 -13.99
CA THR A 124 -1.58 19.34 -12.78
C THR A 124 -0.74 19.81 -11.59
N HIS A 125 -1.31 20.64 -10.72
CA HIS A 125 -0.62 21.08 -9.49
C HIS A 125 -1.02 20.11 -8.38
N ASN A 126 -1.15 18.82 -8.72
CA ASN A 126 -1.42 17.70 -7.77
C ASN A 126 -0.24 17.60 -6.81
N SER A 127 -0.47 17.14 -5.57
CA SER A 127 0.62 16.83 -4.57
C SER A 127 0.68 15.34 -4.34
N LEU A 128 1.87 14.77 -4.45
CA LEU A 128 2.12 13.34 -4.23
C LEU A 128 3.16 13.21 -3.13
N PHE A 129 2.83 12.51 -2.04
CA PHE A 129 3.74 12.12 -0.94
C PHE A 129 3.87 10.60 -0.88
N LEU A 130 5.11 10.13 -0.82
CA LEU A 130 5.40 8.71 -0.68
C LEU A 130 6.01 8.52 0.69
N PHE A 131 5.32 7.81 1.57
CA PHE A 131 5.84 7.36 2.88
C PHE A 131 6.58 6.02 2.76
N ASP A 132 7.91 6.11 2.66
CA ASP A 132 8.79 4.94 2.68
C ASP A 132 8.33 3.89 1.68
N GLY A 133 8.04 4.33 0.46
CA GLY A 133 7.87 3.45 -0.69
C GLY A 133 8.04 4.16 -2.01
N SER A 134 8.05 3.37 -3.07
CA SER A 134 8.21 3.83 -4.46
C SER A 134 7.96 2.65 -5.38
N PRO A 135 7.67 2.86 -6.68
CA PRO A 135 7.49 1.74 -7.60
C PRO A 135 8.58 0.67 -7.49
N THR A 136 9.84 1.10 -7.37
CA THR A 136 11.02 0.20 -7.31
C THR A 136 11.21 -0.42 -5.90
N TYR A 137 10.93 0.32 -4.82
CA TYR A 137 11.11 -0.16 -3.43
C TYR A 137 10.33 -1.45 -3.19
N VAL A 138 9.10 -1.50 -3.71
CA VAL A 138 8.21 -2.70 -3.64
C VAL A 138 8.80 -3.82 -4.52
N LEU A 139 9.12 -3.53 -5.79
CA LEU A 139 9.79 -4.45 -6.77
C LEU A 139 10.99 -5.14 -6.09
N ALA A 140 11.87 -4.37 -5.45
CA ALA A 140 13.10 -4.88 -4.77
C ALA A 140 12.71 -5.99 -3.76
N TYR A 141 11.71 -5.69 -2.93
CA TYR A 141 11.21 -6.60 -1.88
C TYR A 141 10.75 -7.90 -2.55
N THR A 142 9.88 -7.85 -3.58
CA THR A 142 9.33 -9.05 -4.27
C THR A 142 10.47 -9.97 -4.76
N GLN A 143 11.54 -9.42 -5.38
CA GLN A 143 12.65 -10.24 -5.93
C GLN A 143 13.39 -10.89 -4.75
N SER A 144 13.70 -10.09 -3.69
CA SER A 144 14.36 -10.60 -2.46
C SER A 144 13.61 -11.83 -1.97
N TYR A 145 12.34 -12.01 -2.36
CA TYR A 145 11.62 -13.27 -2.05
C TYR A 145 11.77 -14.29 -3.19
N ARG A 146 11.74 -13.87 -4.46
CA ARG A 146 11.91 -14.73 -5.67
C ARG A 146 13.29 -15.39 -5.60
N ALA A 147 14.27 -14.70 -5.00
CA ALA A 147 15.64 -15.19 -4.74
C ALA A 147 15.60 -16.56 -4.01
N LYS A 148 14.61 -16.79 -3.15
CA LYS A 148 14.52 -17.99 -2.28
C LYS A 148 13.77 -19.14 -2.97
N LEU A 149 13.43 -19.01 -4.25
CA LEU A 149 12.44 -19.90 -4.93
C LEU A 149 13.04 -20.53 -6.18
N THR A 150 12.63 -21.77 -6.49
CA THR A 150 12.87 -22.45 -7.78
C THR A 150 12.03 -21.75 -8.84
N PRO A 151 12.66 -21.05 -9.82
CA PRO A 151 11.93 -20.35 -10.88
C PRO A 151 10.95 -21.29 -11.61
N GLY A 152 9.75 -20.79 -11.92
CA GLY A 152 8.71 -21.52 -12.67
C GLY A 152 7.76 -22.27 -11.75
N CYS A 153 8.22 -22.66 -10.56
CA CYS A 153 7.42 -23.31 -9.48
C CYS A 153 6.44 -22.31 -8.83
N GLU A 154 5.25 -22.14 -9.41
CA GLU A 154 4.24 -21.18 -8.90
C GLU A 154 3.79 -21.62 -7.50
N ALA A 155 3.64 -22.92 -7.25
CA ALA A 155 3.16 -23.46 -5.95
C ALA A 155 4.08 -22.97 -4.83
N GLU A 156 5.36 -22.85 -5.14
CA GLU A 156 6.41 -22.45 -4.18
C GLU A 156 6.25 -20.96 -3.88
N ALA A 157 6.02 -20.13 -4.90
CA ALA A 157 5.77 -18.67 -4.77
C ALA A 157 4.52 -18.44 -3.93
N GLU A 158 3.40 -19.09 -4.28
CA GLU A 158 2.12 -19.04 -3.50
C GLU A 158 2.42 -19.35 -2.04
N THR A 159 3.11 -20.46 -1.82
CA THR A 159 3.45 -20.93 -0.44
C THR A 159 4.24 -19.84 0.29
N GLU A 160 5.20 -19.23 -0.40
CA GLU A 160 6.13 -18.26 0.23
C GLU A 160 5.36 -17.03 0.70
N ALA A 161 4.56 -16.46 -0.22
CA ALA A 161 3.67 -15.30 0.02
C ALA A 161 2.74 -15.60 1.19
N ILE A 162 2.11 -16.78 1.21
CA ILE A 162 1.01 -17.01 2.18
C ILE A 162 1.64 -17.28 3.54
N CYS A 163 2.80 -17.93 3.55
CA CYS A 163 3.64 -18.15 4.76
C CYS A 163 4.00 -16.82 5.43
N PHE A 164 4.51 -15.86 4.66
CA PHE A 164 4.85 -14.50 5.15
C PHE A 164 3.61 -13.85 5.77
N PHE A 165 2.46 -13.96 5.11
CA PHE A 165 1.17 -13.42 5.62
C PHE A 165 0.88 -14.07 6.97
N VAL A 166 0.92 -15.40 7.06
CA VAL A 166 0.57 -16.13 8.32
C VAL A 166 1.50 -15.70 9.45
N GLN A 167 2.77 -15.41 9.12
CA GLN A 167 3.84 -14.99 10.06
C GLN A 167 3.56 -13.60 10.63
N GLN A 168 2.83 -12.76 9.89
CA GLN A 168 2.40 -11.42 10.34
C GLN A 168 1.39 -11.56 11.50
N PHE A 169 0.75 -12.72 11.67
CA PHE A 169 -0.26 -12.92 12.75
C PHE A 169 0.22 -13.86 13.86
N THR A 170 1.19 -14.75 13.59
CA THR A 170 1.58 -15.85 14.49
C THR A 170 3.09 -15.84 14.71
N ASP A 171 3.57 -16.54 15.73
CA ASP A 171 5.00 -16.65 16.07
C ASP A 171 5.62 -17.86 15.36
N MET A 172 4.92 -18.42 14.36
CA MET A 172 5.29 -19.72 13.73
C MET A 172 6.66 -19.60 13.07
N GLU A 173 7.54 -20.60 13.25
CA GLU A 173 8.85 -20.74 12.56
C GLU A 173 8.60 -20.91 11.05
N HIS A 174 9.48 -20.36 10.19
CA HIS A 174 9.24 -20.19 8.75
C HIS A 174 8.92 -21.56 8.16
N ASN A 175 9.82 -22.51 8.39
CA ASN A 175 9.81 -23.84 7.72
C ASN A 175 8.57 -24.63 8.15
N ARG A 176 8.00 -24.35 9.32
CA ARG A 176 6.80 -25.06 9.84
C ARG A 176 5.58 -24.67 8.99
N VAL A 177 5.50 -23.37 8.67
CA VAL A 177 4.39 -22.84 7.82
C VAL A 177 4.65 -23.28 6.38
N LEU A 178 5.90 -23.19 5.92
CA LEU A 178 6.30 -23.66 4.57
C LEU A 178 5.88 -25.12 4.35
N GLU A 179 6.13 -26.01 5.30
CA GLU A 179 5.82 -27.47 5.18
C GLU A 179 4.32 -27.69 4.93
N ALA A 180 3.51 -26.92 5.67
CA ALA A 180 2.04 -27.12 5.82
C ALA A 180 1.37 -26.67 4.54
N LEU A 181 2.00 -25.74 3.81
CA LEU A 181 1.38 -25.07 2.61
C LEU A 181 1.93 -25.73 1.34
N LEU A 182 3.20 -26.17 1.38
CA LEU A 182 3.91 -26.57 0.13
C LEU A 182 3.17 -27.73 -0.56
N PRO A 183 2.76 -28.79 0.18
CA PRO A 183 2.04 -29.93 -0.39
C PRO A 183 0.73 -29.63 -1.14
N LEU A 184 0.01 -28.60 -0.72
CA LEU A 184 -1.44 -28.40 -1.05
C LEU A 184 -1.66 -28.23 -2.56
N LYS A 185 -2.90 -28.47 -2.99
CA LYS A 185 -3.30 -28.52 -4.42
C LYS A 185 -3.04 -27.18 -5.14
N GLY A 186 -3.52 -26.06 -4.58
CA GLY A 186 -3.50 -24.72 -5.21
C GLY A 186 -3.65 -23.57 -4.22
N LEU A 187 -3.76 -22.34 -4.71
CA LEU A 187 -3.75 -21.13 -3.84
C LEU A 187 -4.89 -21.22 -2.81
N GLU A 188 -6.11 -21.50 -3.27
CA GLU A 188 -7.32 -21.53 -2.42
C GLU A 188 -7.12 -22.44 -1.21
N GLU A 189 -6.51 -23.60 -1.41
CA GLU A 189 -6.28 -24.60 -0.33
C GLU A 189 -5.31 -24.00 0.69
N ARG A 190 -4.22 -23.41 0.20
CA ARG A 190 -3.18 -22.70 1.00
C ARG A 190 -3.87 -21.58 1.79
N VAL A 191 -4.62 -20.71 1.12
CA VAL A 191 -5.42 -19.63 1.78
C VAL A 191 -6.21 -20.26 2.94
N ALA A 192 -6.98 -21.32 2.68
CA ALA A 192 -7.81 -22.02 3.69
C ALA A 192 -6.95 -22.63 4.82
N ALA A 193 -5.79 -23.17 4.50
CA ALA A 193 -4.87 -23.66 5.53
C ALA A 193 -4.38 -22.50 6.43
N ALA A 194 -4.08 -21.35 5.84
CA ALA A 194 -3.54 -20.16 6.53
C ALA A 194 -4.60 -19.62 7.49
N VAL A 195 -5.85 -19.49 7.03
CA VAL A 195 -7.02 -18.96 7.81
C VAL A 195 -7.24 -19.87 9.03
N ASP A 196 -7.18 -21.18 8.86
CA ASP A 196 -7.36 -22.17 9.95
C ASP A 196 -6.26 -22.02 10.99
N LEU A 197 -5.02 -21.77 10.58
CA LEU A 197 -3.90 -21.57 11.55
C LEU A 197 -4.17 -20.29 12.37
N ILE A 198 -4.62 -19.24 11.70
CA ILE A 198 -4.77 -17.91 12.36
C ILE A 198 -5.99 -17.98 13.30
N ILE A 199 -7.07 -18.58 12.81
CA ILE A 199 -8.31 -18.84 13.59
C ILE A 199 -7.98 -19.61 14.87
N LYS A 200 -7.06 -20.59 14.81
CA LYS A 200 -6.65 -21.35 16.00
C LYS A 200 -6.15 -20.32 17.03
N SER A 201 -5.24 -19.41 16.66
CA SER A 201 -4.65 -18.41 17.60
C SER A 201 -5.67 -17.33 17.94
N HIS A 202 -6.63 -17.05 17.06
CA HIS A 202 -7.65 -16.00 17.24
C HIS A 202 -9.01 -16.43 16.71
N GLN A 203 -9.76 -17.26 17.42
CA GLN A 203 -10.97 -17.93 16.87
C GLN A 203 -12.07 -16.93 16.46
N GLY A 204 -12.22 -15.82 17.18
CA GLY A 204 -13.34 -14.88 16.94
C GLY A 204 -13.21 -14.17 15.62
N LEU A 205 -11.98 -13.98 15.10
CA LEU A 205 -11.67 -13.37 13.77
C LEU A 205 -12.60 -13.96 12.71
N ASP A 206 -12.95 -13.21 11.66
CA ASP A 206 -13.96 -13.65 10.68
C ASP A 206 -13.26 -14.53 9.61
N ARG A 207 -13.88 -15.66 9.29
CA ARG A 207 -13.40 -16.57 8.19
C ARG A 207 -13.16 -15.78 6.91
N GLN A 208 -14.23 -15.11 6.45
CA GLN A 208 -14.31 -14.35 5.17
C GLN A 208 -13.22 -13.26 5.13
N GLU A 209 -13.12 -12.46 6.20
CA GLU A 209 -12.08 -11.41 6.38
C GLU A 209 -10.71 -12.00 6.07
N LEU A 210 -10.35 -13.10 6.75
CA LEU A 210 -8.97 -13.67 6.67
C LEU A 210 -8.78 -14.24 5.25
N SER A 211 -9.81 -14.91 4.71
CA SER A 211 -9.78 -15.59 3.40
C SER A 211 -9.46 -14.54 2.33
N PHE A 212 -10.16 -13.44 2.40
CA PHE A 212 -9.99 -12.36 1.41
C PHE A 212 -8.62 -11.75 1.61
N ALA A 213 -8.16 -11.58 2.86
CA ALA A 213 -6.84 -10.98 3.15
C ALA A 213 -5.74 -11.88 2.58
N ALA A 214 -5.72 -13.18 2.88
CA ALA A 214 -4.71 -14.15 2.40
C ALA A 214 -4.67 -14.19 0.86
N ARG A 215 -5.83 -14.36 0.24
CA ARG A 215 -5.94 -14.46 -1.25
C ARG A 215 -5.39 -13.20 -1.86
N SER A 216 -5.84 -12.03 -1.38
CA SER A 216 -5.50 -10.74 -2.01
C SER A 216 -4.02 -10.43 -1.78
N PHE A 217 -3.43 -10.90 -0.68
CA PHE A 217 -1.99 -10.66 -0.39
C PHE A 217 -1.16 -11.16 -1.57
N TYR A 218 -1.50 -12.34 -2.08
CA TYR A 218 -0.77 -12.99 -3.20
C TYR A 218 -0.93 -12.19 -4.48
N TYR A 219 -2.15 -11.74 -4.76
CA TYR A 219 -2.46 -10.98 -5.99
C TYR A 219 -1.85 -9.59 -5.92
N LYS A 220 -1.85 -8.97 -4.75
CA LYS A 220 -1.21 -7.65 -4.55
C LYS A 220 0.27 -7.76 -4.90
N LEU A 221 0.95 -8.75 -4.34
CA LEU A 221 2.40 -8.95 -4.63
C LEU A 221 2.62 -9.12 -6.13
N ARG A 222 1.83 -9.98 -6.79
CA ARG A 222 1.91 -10.24 -8.24
C ARG A 222 1.78 -8.94 -9.02
N ALA A 223 0.81 -8.09 -8.67
CA ALA A 223 0.57 -6.84 -9.42
C ALA A 223 1.81 -5.95 -9.29
N ALA A 224 2.44 -5.98 -8.11
CA ALA A 224 3.59 -5.11 -7.83
C ALA A 224 4.70 -5.57 -8.80
N GLU A 225 4.85 -6.89 -8.98
CA GLU A 225 5.96 -7.47 -9.79
C GLU A 225 5.80 -7.05 -11.24
N GLN A 226 4.58 -7.06 -11.75
CA GLN A 226 4.24 -6.77 -13.15
C GLN A 226 4.22 -5.26 -13.46
N TYR A 227 4.42 -4.37 -12.47
CA TYR A 227 4.18 -2.91 -12.64
C TYR A 227 5.45 -2.25 -13.20
N THR A 228 5.24 -1.40 -14.20
CA THR A 228 6.12 -0.29 -14.67
C THR A 228 5.18 0.79 -15.19
N PRO A 229 5.37 2.05 -14.77
CA PRO A 229 4.54 3.15 -15.28
C PRO A 229 4.67 3.23 -16.81
N LYS A 230 3.59 3.62 -17.49
CA LYS A 230 3.58 3.66 -18.98
C LYS A 230 4.66 4.65 -19.40
N ALA A 231 4.97 5.62 -18.55
CA ALA A 231 6.08 6.59 -18.71
C ALA A 231 6.43 7.21 -17.35
N LYS A 232 7.41 8.12 -17.35
CA LYS A 232 7.83 8.91 -16.16
C LYS A 232 6.70 9.82 -15.67
N TYR A 233 6.61 9.96 -14.34
CA TYR A 233 5.72 10.92 -13.65
C TYR A 233 6.32 12.32 -13.84
N HIS A 234 5.58 13.27 -14.42
CA HIS A 234 6.09 14.63 -14.79
C HIS A 234 5.87 15.62 -13.65
N GLY A 235 4.98 15.29 -12.72
CA GLY A 235 4.75 16.09 -11.50
C GLY A 235 5.92 16.02 -10.51
N ASN A 236 6.00 17.01 -9.63
CA ASN A 236 6.90 17.01 -8.45
C ASN A 236 6.38 15.97 -7.46
N VAL A 237 7.29 15.33 -6.75
CA VAL A 237 7.05 14.19 -5.79
C VAL A 237 7.86 14.43 -4.51
N MET A 238 7.36 14.00 -3.36
CA MET A 238 8.13 14.06 -2.08
C MET A 238 8.23 12.66 -1.46
N LEU A 239 9.44 12.19 -1.22
CA LEU A 239 9.70 10.91 -0.53
C LEU A 239 10.09 11.17 0.92
N LEU A 240 9.37 10.54 1.86
CA LEU A 240 9.56 10.57 3.32
C LEU A 240 9.90 9.16 3.79
N ARG A 241 11.18 8.84 3.81
CA ARG A 241 11.65 7.45 3.93
C ARG A 241 12.25 7.30 5.32
N ALA A 242 12.15 6.08 5.84
CA ALA A 242 12.48 5.72 7.24
C ALA A 242 13.99 5.81 7.49
N LYS A 243 14.33 5.97 8.76
CA LYS A 243 15.74 5.96 9.25
C LYS A 243 16.22 4.51 9.34
N GLU A 250 17.79 -5.27 1.77
CA GLU A 250 18.92 -4.55 1.12
C GLU A 250 18.52 -3.09 0.88
N ASP A 251 19.49 -2.17 0.89
CA ASP A 251 19.26 -0.72 0.70
C ASP A 251 19.10 -0.46 -0.81
N LEU A 252 17.95 0.12 -1.20
CA LEU A 252 17.51 0.27 -2.62
C LEU A 252 18.28 1.42 -3.30
N GLY A 253 18.35 2.58 -2.62
CA GLY A 253 18.97 3.80 -3.17
C GLY A 253 18.60 5.02 -2.35
N ALA A 254 19.08 6.20 -2.75
CA ALA A 254 18.91 7.46 -1.99
C ALA A 254 17.45 7.91 -2.02
N ASP A 255 16.94 8.05 -3.24
CA ASP A 255 15.56 8.52 -3.56
C ASP A 255 14.65 7.32 -3.92
N TYR A 256 14.98 6.12 -3.45
CA TYR A 256 14.34 4.83 -3.83
C TYR A 256 14.14 4.77 -5.36
N ASN A 257 15.15 5.22 -6.09
CA ASN A 257 15.27 5.15 -7.57
C ASN A 257 14.02 5.78 -8.19
N LEU A 258 13.42 6.74 -7.52
CA LEU A 258 12.32 7.55 -8.13
C LEU A 258 12.84 8.32 -9.36
N SER A 259 14.14 8.61 -9.41
CA SER A 259 14.80 9.36 -10.52
C SER A 259 14.52 8.63 -11.86
N GLN A 260 14.45 7.31 -11.82
CA GLN A 260 14.19 6.46 -12.99
C GLN A 260 12.70 6.51 -13.40
N VAL A 261 11.80 6.98 -12.55
CA VAL A 261 10.34 6.95 -12.90
C VAL A 261 9.69 8.34 -12.79
N CYS A 262 10.52 9.38 -12.69
CA CYS A 262 10.04 10.77 -12.50
C CYS A 262 11.03 11.74 -13.16
N ASP A 263 10.52 12.66 -13.99
CA ASP A 263 11.33 13.70 -14.69
C ASP A 263 10.80 15.07 -14.20
N GLY A 264 10.23 15.09 -12.99
CA GLY A 264 9.93 16.30 -12.19
C GLY A 264 10.82 16.36 -10.95
N LYS A 265 10.58 17.36 -10.11
CA LYS A 265 11.35 17.61 -8.88
C LYS A 265 11.13 16.44 -7.91
N VAL A 266 12.18 15.76 -7.52
CA VAL A 266 12.12 14.66 -6.50
C VAL A 266 12.77 15.17 -5.20
N SER A 267 11.93 15.42 -4.19
CA SER A 267 12.30 15.91 -2.84
C SER A 267 12.41 14.76 -1.84
N VAL A 268 13.53 14.61 -1.14
CA VAL A 268 13.75 13.46 -0.25
C VAL A 268 13.92 14.02 1.16
N HIS A 269 13.26 13.42 2.12
CA HIS A 269 13.39 13.77 3.55
C HIS A 269 13.58 12.48 4.31
N VAL A 270 14.58 12.39 5.15
CA VAL A 270 14.75 11.21 6.06
C VAL A 270 13.95 11.51 7.33
N ILE A 271 13.21 10.52 7.79
CA ILE A 271 12.16 10.60 8.85
C ILE A 271 12.49 9.57 9.91
N GLU A 272 12.53 9.97 11.17
CA GLU A 272 12.97 9.10 12.29
C GLU A 272 12.07 7.85 12.34
N GLY A 273 12.65 6.69 12.60
CA GLY A 273 11.90 5.43 12.83
C GLY A 273 12.24 4.41 11.76
N ASP A 274 11.76 3.18 11.93
CA ASP A 274 11.89 2.07 10.94
C ASP A 274 10.67 2.10 10.02
N HIS A 275 10.57 1.18 9.06
CA HIS A 275 9.49 1.16 8.06
C HIS A 275 8.11 1.18 8.73
N ARG A 276 7.97 0.49 9.86
CA ARG A 276 6.67 0.35 10.56
C ARG A 276 6.39 1.55 11.46
N THR A 277 7.44 2.15 12.06
CA THR A 277 7.30 3.21 13.11
C THR A 277 7.63 4.57 12.45
N LEU A 278 7.58 4.59 11.13
CA LEU A 278 7.86 5.85 10.36
C LEU A 278 6.59 6.71 10.41
N LEU A 279 5.44 6.15 10.83
CA LEU A 279 4.13 6.88 10.87
C LEU A 279 3.69 7.14 12.32
N GLU A 280 4.62 7.04 13.28
CA GLU A 280 4.34 7.24 14.73
C GLU A 280 5.47 8.08 15.35
N GLY A 281 5.19 8.70 16.50
CA GLY A 281 6.18 9.43 17.32
C GLY A 281 6.87 10.55 16.57
N SER A 282 8.21 10.47 16.48
CA SER A 282 9.08 11.55 16.01
C SER A 282 8.84 11.71 14.51
N GLY A 283 8.82 10.59 13.79
CA GLY A 283 8.56 10.54 12.35
C GLY A 283 7.23 11.20 12.04
N LEU A 284 6.19 10.89 12.85
CA LEU A 284 4.82 11.40 12.60
C LEU A 284 4.86 12.94 12.71
N GLU A 285 5.56 13.50 13.71
CA GLU A 285 5.63 14.98 13.85
C GLU A 285 6.18 15.63 12.57
N SER A 286 7.23 15.06 11.97
CA SER A 286 7.89 15.62 10.77
C SER A 286 6.94 15.56 9.57
N ILE A 287 6.30 14.42 9.40
CA ILE A 287 5.30 14.18 8.31
C ILE A 287 4.18 15.24 8.43
N ILE A 288 3.63 15.41 9.62
CA ILE A 288 2.53 16.39 9.84
C ILE A 288 3.02 17.81 9.49
N SER A 289 4.22 18.18 9.90
CA SER A 289 4.76 19.53 9.58
C SER A 289 4.99 19.65 8.08
N ILE A 290 5.51 18.59 7.44
CA ILE A 290 5.73 18.59 5.96
C ILE A 290 4.38 18.78 5.26
N ILE A 291 3.40 17.96 5.57
CA ILE A 291 2.07 18.07 4.90
C ILE A 291 1.49 19.48 5.15
N HIS A 292 1.39 19.92 6.42
CA HIS A 292 0.79 21.23 6.80
C HIS A 292 1.45 22.40 6.05
N SER A 293 2.77 22.44 5.89
CA SER A 293 3.43 23.53 5.11
C SER A 293 3.19 23.28 3.61
N SER A 294 3.26 22.01 3.17
CA SER A 294 3.17 21.65 1.73
C SER A 294 1.92 22.24 1.04
N LEU A 295 0.77 22.29 1.71
CA LEU A 295 -0.50 22.93 1.24
C LEU A 295 -0.23 23.78 -0.01
#